data_4GPR
#
_entry.id   4GPR
#
_cell.length_a   46.973
_cell.length_b   49.577
_cell.length_c   63.464
_cell.angle_alpha   90.00
_cell.angle_beta   90.00
_cell.angle_gamma   90.00
#
_symmetry.space_group_name_H-M   'P 21 21 21'
#
loop_
_entity.id
_entity.type
_entity.pdbx_description
1 polymer 'Ubiquitin-conjugating enzyme family protein'
2 non-polymer 'COBALT (II) ION'
3 water water
#
_entity_poly.entity_id   1
_entity_poly.type   'polypeptide(L)'
_entity_poly.pdbx_seq_one_letter_code
;SAAMAMRRIQKELREIQQDPPCNCSAGPVGDDIFHWTATITGPDDSPYQGGLFFLDVHFPVDYPFKAPRVTFMTKVYHPN
INKNGVICLDILKDQWSPALTLSRVLLSISSLLTDPNPSDPLDPEVANVLRANKKQFEDTAREWTRMYARP
;
_entity_poly.pdbx_strand_id   A
#
# COMPACT_ATOMS: atom_id res chain seq x y z
N ALA A 2 23.17 -10.56 -3.73
CA ALA A 2 22.55 -9.55 -4.58
C ALA A 2 21.77 -10.23 -5.72
N ALA A 3 22.36 -11.29 -6.26
CA ALA A 3 22.06 -11.77 -7.63
C ALA A 3 20.66 -12.34 -7.87
N MET A 4 20.20 -13.26 -7.03
CA MET A 4 18.86 -13.83 -7.20
C MET A 4 17.80 -12.76 -6.93
N ALA A 5 18.07 -11.89 -5.96
CA ALA A 5 17.18 -10.77 -5.67
C ALA A 5 17.06 -9.86 -6.88
N MET A 6 18.18 -9.50 -7.49
CA MET A 6 18.09 -8.56 -8.61
C MET A 6 17.32 -9.15 -9.77
N ARG A 7 17.53 -10.43 -10.04
CA ARG A 7 16.85 -11.07 -11.16
C ARG A 7 15.35 -11.16 -10.92
N ARG A 8 14.97 -11.41 -9.67
CA ARG A 8 13.54 -11.39 -9.33
C ARG A 8 12.92 -10.02 -9.46
N ILE A 9 13.60 -8.98 -8.99
CA ILE A 9 13.03 -7.64 -9.07
C ILE A 9 12.95 -7.17 -10.53
N GLN A 10 13.95 -7.51 -11.34
CA GLN A 10 13.90 -7.19 -12.77
C GLN A 10 12.70 -7.86 -13.44
N LYS A 11 12.44 -9.10 -13.06
CA LYS A 11 11.29 -9.83 -13.58
C LYS A 11 9.99 -9.13 -13.17
N GLU A 12 9.85 -8.77 -11.89
CA GLU A 12 8.67 -8.03 -11.50
C GLU A 12 8.52 -6.69 -12.23
N LEU A 13 9.62 -5.99 -12.48
CA LEU A 13 9.54 -4.73 -13.22
C LEU A 13 9.06 -4.95 -14.66
N ARG A 14 9.49 -6.03 -15.31
CA ARG A 14 8.97 -6.34 -16.63
C ARG A 14 7.47 -6.60 -16.56
N GLU A 15 7.05 -7.25 -15.49
CA GLU A 15 5.64 -7.59 -15.35
C GLU A 15 4.82 -6.34 -15.09
N ILE A 16 5.35 -5.36 -14.36
CA ILE A 16 4.65 -4.07 -14.21
C ILE A 16 4.50 -3.38 -15.56
N GLN A 17 5.55 -3.43 -16.40
CA GLN A 17 5.46 -2.82 -17.71
C GLN A 17 4.45 -3.55 -18.61
N GLN A 18 4.50 -4.88 -18.55
CA GLN A 18 3.76 -5.71 -19.51
C GLN A 18 2.35 -6.07 -19.12
N ASP A 19 2.14 -6.19 -17.81
CA ASP A 19 0.83 -6.65 -17.29
C ASP A 19 0.63 -6.16 -15.87
N PRO A 20 0.52 -4.84 -15.71
CA PRO A 20 0.37 -4.33 -14.35
C PRO A 20 -1.00 -4.58 -13.74
N PRO A 21 -1.07 -4.48 -12.42
CA PRO A 21 -2.39 -4.53 -11.79
C PRO A 21 -3.13 -3.28 -12.24
N CYS A 22 -4.44 -3.36 -12.41
CA CYS A 22 -5.18 -2.21 -12.89
C CYS A 22 -5.05 -1.08 -11.87
N ASN A 23 -5.01 0.14 -12.36
CA ASN A 23 -5.03 1.32 -11.48
C ASN A 23 -3.78 1.43 -10.62
N CYS A 24 -2.70 0.79 -11.04
CA CYS A 24 -1.44 0.89 -10.30
C CYS A 24 -0.29 1.21 -11.23
N SER A 25 0.76 1.81 -10.67
CA SER A 25 1.98 1.97 -11.40
C SER A 25 3.12 1.81 -10.40
N ALA A 26 4.31 1.47 -10.88
CA ALA A 26 5.46 1.28 -10.00
C ALA A 26 6.74 1.22 -10.80
N GLY A 27 7.82 1.71 -10.21
CA GLY A 27 9.12 1.54 -10.83
C GLY A 27 10.20 2.11 -9.95
N PRO A 28 11.47 1.83 -10.29
CA PRO A 28 12.61 2.32 -9.51
C PRO A 28 12.68 3.83 -9.41
N VAL A 29 13.11 4.33 -8.27
CA VAL A 29 13.30 5.78 -8.08
C VAL A 29 14.32 6.36 -9.08
N GLY A 30 15.46 5.67 -9.18
CA GLY A 30 16.56 6.14 -10.00
C GLY A 30 17.26 4.89 -10.52
N ASP A 31 18.57 4.77 -10.29
CA ASP A 31 19.27 3.60 -10.82
C ASP A 31 19.38 2.43 -9.85
N ASP A 32 18.67 2.51 -8.70
CA ASP A 32 18.71 1.41 -7.75
C ASP A 32 17.42 0.59 -7.82
N ILE A 33 17.50 -0.60 -8.39
CA ILE A 33 16.29 -1.39 -8.56
C ILE A 33 15.69 -1.90 -7.25
N PHE A 34 16.42 -1.75 -6.14
CA PHE A 34 15.85 -2.18 -4.84
C PHE A 34 14.97 -1.10 -4.22
N HIS A 35 14.84 0.06 -4.88
CA HIS A 35 14.12 1.20 -4.29
C HIS A 35 13.14 1.74 -5.33
N TRP A 36 11.84 1.61 -5.05
CA TRP A 36 10.77 2.01 -5.99
C TRP A 36 9.81 3.01 -5.37
N THR A 37 9.12 3.76 -6.22
CA THR A 37 7.85 4.43 -5.87
C THR A 37 6.72 3.76 -6.59
N ALA A 38 5.61 3.55 -5.90
CA ALA A 38 4.44 2.99 -6.55
C ALA A 38 3.22 3.87 -6.32
N THR A 39 2.22 3.74 -7.17
CA THR A 39 0.93 4.37 -6.89
C THR A 39 -0.23 3.42 -6.94
N ILE A 40 -1.26 3.66 -6.12
CA ILE A 40 -2.53 2.98 -6.33
C ILE A 40 -3.62 4.04 -6.37
N THR A 41 -4.64 3.82 -7.18
CA THR A 41 -5.78 4.73 -7.14
C THR A 41 -6.74 4.21 -6.11
N GLY A 42 -7.36 5.12 -5.36
CA GLY A 42 -8.29 4.66 -4.32
C GLY A 42 -9.37 3.77 -4.94
N PRO A 43 -9.74 2.69 -4.26
CA PRO A 43 -10.75 1.79 -4.83
C PRO A 43 -12.11 2.45 -5.01
N ASP A 44 -12.81 2.10 -6.09
CA ASP A 44 -14.10 2.72 -6.34
C ASP A 44 -15.08 2.27 -5.22
N ASP A 45 -16.11 3.06 -4.99
CA ASP A 45 -17.08 2.72 -3.94
C ASP A 45 -16.40 2.56 -2.58
N SER A 46 -15.54 3.52 -2.26
CA SER A 46 -14.92 3.58 -0.92
C SER A 46 -14.67 5.06 -0.64
N PRO A 47 -14.32 5.43 0.61
CA PRO A 47 -14.05 6.85 0.87
C PRO A 47 -12.79 7.33 0.18
N TYR A 48 -11.99 6.41 -0.35
CA TYR A 48 -10.74 6.80 -1.00
C TYR A 48 -10.89 6.91 -2.49
N GLN A 49 -12.10 6.71 -3.03
CA GLN A 49 -12.23 6.74 -4.50
C GLN A 49 -11.74 8.06 -5.14
N GLY A 50 -11.05 7.93 -6.26
CA GLY A 50 -10.57 9.12 -6.95
C GLY A 50 -9.21 9.62 -6.47
N GLY A 51 -8.79 9.22 -5.29
CA GLY A 51 -7.47 9.60 -4.81
C GLY A 51 -6.35 8.83 -5.49
N LEU A 52 -5.18 9.49 -5.52
CA LEU A 52 -3.94 8.87 -6.01
C LEU A 52 -2.99 8.76 -4.83
N PHE A 53 -2.69 7.52 -4.44
CA PHE A 53 -1.88 7.25 -3.26
C PHE A 53 -0.48 6.81 -3.65
N PHE A 54 0.52 7.55 -3.19
CA PHE A 54 1.94 7.21 -3.44
C PHE A 54 2.53 6.36 -2.34
N LEU A 55 3.26 5.32 -2.73
CA LEU A 55 3.85 4.38 -1.77
C LEU A 55 5.35 4.28 -2.01
N ASP A 56 6.10 4.10 -0.93
CA ASP A 56 7.58 3.94 -0.97
C ASP A 56 7.85 2.44 -0.78
N VAL A 57 8.67 1.88 -1.64
CA VAL A 57 8.95 0.44 -1.61
C VAL A 57 10.46 0.20 -1.49
N HIS A 58 10.89 -0.48 -0.40
CA HIS A 58 12.28 -0.88 -0.25
C HIS A 58 12.38 -2.38 -0.24
N PHE A 59 12.93 -2.95 -1.31
CA PHE A 59 13.14 -4.40 -1.33
C PHE A 59 14.41 -4.73 -0.55
N PRO A 60 14.35 -5.82 0.24
CA PRO A 60 15.52 -6.27 0.98
C PRO A 60 16.53 -6.98 0.08
N VAL A 61 17.75 -7.13 0.56
CA VAL A 61 18.83 -7.70 -0.22
C VAL A 61 18.57 -9.18 -0.59
N ASP A 62 17.77 -9.86 0.22
CA ASP A 62 17.44 -11.26 -0.03
C ASP A 62 15.99 -11.46 -0.47
N TYR A 63 15.39 -10.42 -1.05
CA TYR A 63 14.11 -10.58 -1.73
C TYR A 63 14.24 -11.73 -2.72
N PRO A 64 13.21 -12.60 -2.88
CA PRO A 64 11.85 -12.55 -2.30
C PRO A 64 11.70 -13.37 -1.03
N PHE A 65 12.79 -13.61 -0.31
CA PHE A 65 12.73 -14.46 0.88
C PHE A 65 12.23 -13.69 2.11
N LYS A 66 12.26 -12.37 2.02
CA LYS A 66 11.65 -11.47 2.98
C LYS A 66 10.81 -10.45 2.22
N ALA A 67 9.85 -9.84 2.90
CA ALA A 67 8.92 -8.91 2.26
C ALA A 67 9.59 -7.57 1.94
N PRO A 68 9.13 -6.90 0.88
CA PRO A 68 9.51 -5.48 0.75
C PRO A 68 8.90 -4.67 1.87
N ARG A 69 9.59 -3.62 2.28
CA ARG A 69 8.99 -2.65 3.19
C ARG A 69 8.21 -1.67 2.36
N VAL A 70 6.90 -1.55 2.63
CA VAL A 70 6.05 -0.71 1.84
C VAL A 70 5.32 0.24 2.76
N THR A 71 5.44 1.53 2.50
CA THR A 71 4.77 2.52 3.33
C THR A 71 4.09 3.55 2.47
N PHE A 72 3.07 4.20 2.99
CA PHE A 72 2.45 5.31 2.27
C PHE A 72 3.28 6.58 2.38
N MET A 73 3.40 7.30 1.27
CA MET A 73 3.91 8.68 1.28
C MET A 73 2.76 9.68 1.26
N THR A 74 1.59 9.23 0.84
CA THR A 74 0.37 10.02 0.89
C THR A 74 -0.29 9.87 2.26
N LYS A 75 -0.80 10.97 2.82
CA LYS A 75 -1.54 10.93 4.08
C LYS A 75 -2.84 10.19 3.82
N VAL A 76 -3.21 9.29 4.73
CA VAL A 76 -4.43 8.52 4.51
C VAL A 76 -5.05 8.19 5.87
N TYR A 77 -6.38 8.27 5.96
CA TYR A 77 -7.11 8.07 7.20
C TYR A 77 -7.68 6.66 7.27
N HIS A 78 -7.12 5.80 8.12
CA HIS A 78 -7.46 4.38 8.10
C HIS A 78 -6.93 3.74 9.37
N PRO A 79 -7.70 2.80 9.98
CA PRO A 79 -7.23 2.28 11.28
C PRO A 79 -5.95 1.43 11.15
N ASN A 80 -5.62 0.94 9.96
CA ASN A 80 -4.46 0.08 9.83
C ASN A 80 -3.28 0.75 9.09
N ILE A 81 -3.28 2.08 8.98
CA ILE A 81 -2.17 2.85 8.40
C ILE A 81 -1.93 4.01 9.34
N ASN A 82 -0.70 4.22 9.82
CA ASN A 82 -0.48 5.26 10.82
C ASN A 82 -0.01 6.59 10.23
N LYS A 83 0.33 7.55 11.09
CA LYS A 83 0.63 8.90 10.60
C LYS A 83 1.93 8.94 9.85
N ASN A 84 2.77 7.92 10.03
CA ASN A 84 4.03 7.78 9.30
C ASN A 84 3.89 6.93 8.02
N GLY A 85 2.66 6.53 7.70
CA GLY A 85 2.41 5.70 6.53
C GLY A 85 2.75 4.22 6.68
N VAL A 86 3.06 3.79 7.90
CA VAL A 86 3.30 2.37 8.18
C VAL A 86 2.00 1.60 8.02
N ILE A 87 2.06 0.46 7.33
CA ILE A 87 0.87 -0.34 7.05
C ILE A 87 0.87 -1.62 7.85
N CYS A 88 -0.25 -1.89 8.53
CA CYS A 88 -0.39 -3.17 9.24
C CYS A 88 -1.13 -4.14 8.33
N LEU A 89 -0.38 -5.07 7.73
CA LEU A 89 -0.90 -6.01 6.75
C LEU A 89 -0.13 -7.29 6.93
N ASP A 90 -0.86 -8.37 7.25
CA ASP A 90 -0.21 -9.64 7.57
C ASP A 90 0.83 -10.10 6.54
N ILE A 91 0.52 -9.94 5.25
CA ILE A 91 1.49 -10.40 4.24
C ILE A 91 2.78 -9.58 4.15
N LEU A 92 2.82 -8.40 4.75
CA LEU A 92 4.04 -7.64 4.79
C LEU A 92 4.85 -8.02 6.01
N LYS A 93 4.33 -8.92 6.85
CA LYS A 93 5.06 -9.34 8.01
C LYS A 93 5.09 -10.87 8.03
N ASP A 94 4.52 -11.52 9.02
CA ASP A 94 4.77 -12.93 9.19
C ASP A 94 4.13 -13.80 8.12
N GLN A 95 3.19 -13.24 7.36
CA GLN A 95 2.55 -14.04 6.31
C GLN A 95 3.14 -13.82 4.92
N TRP A 96 4.32 -13.21 4.84
CA TRP A 96 5.01 -13.06 3.56
C TRP A 96 5.39 -14.40 2.94
N SER A 97 5.23 -14.51 1.63
CA SER A 97 5.55 -15.69 0.89
C SER A 97 6.23 -15.27 -0.41
N PRO A 98 7.23 -16.02 -0.89
CA PRO A 98 7.89 -15.55 -2.12
C PRO A 98 6.97 -15.61 -3.34
N ALA A 99 5.79 -16.23 -3.22
CA ALA A 99 4.82 -16.27 -4.33
C ALA A 99 4.13 -14.93 -4.48
N LEU A 100 4.21 -14.08 -3.44
CA LEU A 100 3.67 -12.74 -3.54
C LEU A 100 4.63 -11.86 -4.34
N THR A 101 4.06 -10.90 -5.05
CA THR A 101 4.84 -9.93 -5.79
C THR A 101 4.43 -8.55 -5.28
N LEU A 102 5.18 -7.53 -5.70
CA LEU A 102 4.79 -6.18 -5.35
C LEU A 102 3.39 -5.89 -5.91
N SER A 103 3.11 -6.38 -7.12
CA SER A 103 1.77 -6.21 -7.74
C SER A 103 0.69 -6.76 -6.81
N ARG A 104 0.92 -7.97 -6.32
CA ARG A 104 -0.05 -8.61 -5.40
C ARG A 104 -0.16 -7.82 -4.09
N VAL A 105 0.95 -7.25 -3.62
CA VAL A 105 0.93 -6.40 -2.41
C VAL A 105 0.08 -5.17 -2.68
N LEU A 106 0.23 -4.54 -3.84
CA LEU A 106 -0.54 -3.33 -4.13
C LEU A 106 -2.02 -3.68 -4.20
N LEU A 107 -2.35 -4.83 -4.79
CA LEU A 107 -3.75 -5.29 -4.79
C LEU A 107 -4.26 -5.51 -3.36
N SER A 108 -3.44 -6.10 -2.48
CA SER A 108 -3.82 -6.38 -1.12
C SER A 108 -4.03 -5.08 -0.33
N ILE A 109 -3.22 -4.05 -0.64
CA ILE A 109 -3.34 -2.75 0.06
C ILE A 109 -4.62 -2.06 -0.39
N SER A 110 -4.92 -2.13 -1.68
CA SER A 110 -6.22 -1.63 -2.17
C SER A 110 -7.40 -2.34 -1.49
N SER A 111 -7.31 -3.67 -1.35
CA SER A 111 -8.32 -4.43 -0.60
C SER A 111 -8.42 -3.94 0.85
N LEU A 112 -7.28 -3.74 1.51
CA LEU A 112 -7.26 -3.21 2.88
C LEU A 112 -8.01 -1.86 2.98
N LEU A 113 -7.86 -1.01 1.96
CA LEU A 113 -8.58 0.27 2.03
C LEU A 113 -10.10 0.03 1.97
N THR A 114 -10.56 -1.03 1.31
CA THR A 114 -11.99 -1.29 1.26
C THR A 114 -12.51 -1.98 2.50
N ASP A 115 -11.59 -2.48 3.32
CA ASP A 115 -11.96 -3.18 4.52
C ASP A 115 -11.27 -2.65 5.77
N PRO A 116 -11.63 -1.43 6.20
CA PRO A 116 -11.12 -0.83 7.45
C PRO A 116 -11.70 -1.58 8.61
N ASN A 117 -10.83 -2.21 9.40
CA ASN A 117 -11.24 -3.01 10.53
C ASN A 117 -10.74 -2.38 11.83
N PRO A 118 -11.67 -1.97 12.71
CA PRO A 118 -11.08 -1.31 13.87
C PRO A 118 -10.78 -2.26 15.04
N SER A 119 -10.89 -3.58 14.82
CA SER A 119 -10.75 -4.52 15.93
C SER A 119 -9.29 -4.75 16.36
N ASP A 120 -8.34 -4.54 15.45
CA ASP A 120 -6.92 -4.78 15.74
C ASP A 120 -6.08 -3.73 15.01
N PRO A 121 -6.23 -2.47 15.42
CA PRO A 121 -5.73 -1.37 14.60
C PRO A 121 -4.28 -1.00 14.88
N LEU A 122 -3.66 -0.34 13.89
CA LEU A 122 -2.33 0.25 14.08
C LEU A 122 -2.49 1.66 14.64
N ASP A 123 -3.57 2.36 14.23
CA ASP A 123 -3.87 3.69 14.77
C ASP A 123 -5.14 3.60 15.58
N PRO A 124 -4.98 3.45 16.89
CA PRO A 124 -6.18 3.21 17.72
C PRO A 124 -7.15 4.38 17.76
N GLU A 125 -6.67 5.61 17.59
CA GLU A 125 -7.61 6.72 17.59
C GLU A 125 -8.49 6.77 16.36
N VAL A 126 -7.93 6.45 15.20
CA VAL A 126 -8.73 6.35 13.99
C VAL A 126 -9.72 5.21 14.16
N ALA A 127 -9.27 4.09 14.73
CA ALA A 127 -10.20 2.98 14.97
C ALA A 127 -11.35 3.37 15.90
N ASN A 128 -11.06 4.20 16.91
CA ASN A 128 -12.09 4.65 17.81
C ASN A 128 -13.19 5.41 17.07
N VAL A 129 -12.81 6.25 16.10
CA VAL A 129 -13.80 6.98 15.30
C VAL A 129 -14.65 5.97 14.48
N LEU A 130 -13.98 5.04 13.81
CA LEU A 130 -14.67 4.08 12.94
C LEU A 130 -15.69 3.23 13.73
N ARG A 131 -15.27 2.77 14.90
CA ARG A 131 -16.11 1.87 15.72
C ARG A 131 -17.30 2.67 16.24
N ALA A 132 -17.03 3.88 16.70
CA ALA A 132 -18.10 4.71 17.28
C ALA A 132 -19.10 5.29 16.27
N ASN A 133 -18.64 5.61 15.07
CA ASN A 133 -19.50 6.32 14.12
C ASN A 133 -18.95 6.08 12.72
N LYS A 134 -19.42 5.04 12.04
CA LYS A 134 -18.78 4.63 10.79
C LYS A 134 -18.90 5.74 9.75
N LYS A 135 -20.03 6.43 9.75
CA LYS A 135 -20.26 7.49 8.80
C LYS A 135 -19.26 8.62 9.02
N GLN A 136 -18.96 8.91 10.29
CA GLN A 136 -18.00 9.96 10.58
C GLN A 136 -16.62 9.57 10.08
N PHE A 137 -16.23 8.32 10.28
CA PHE A 137 -14.96 7.83 9.78
C PHE A 137 -14.93 8.00 8.25
N GLU A 138 -15.98 7.57 7.58
CA GLU A 138 -15.98 7.62 6.12
C GLU A 138 -15.88 9.06 5.63
N ASP A 139 -16.59 9.97 6.30
CA ASP A 139 -16.56 11.38 5.93
C ASP A 139 -15.14 11.93 6.07
N THR A 140 -14.49 11.60 7.17
CA THR A 140 -13.12 12.07 7.36
C THR A 140 -12.16 11.44 6.34
N ALA A 141 -12.35 10.16 6.08
CA ALA A 141 -11.50 9.48 5.11
C ALA A 141 -11.68 10.09 3.71
N ARG A 142 -12.91 10.49 3.41
CA ARG A 142 -13.21 11.13 2.13
C ARG A 142 -12.58 12.52 2.08
N GLU A 143 -12.71 13.28 3.18
CA GLU A 143 -12.08 14.60 3.24
C GLU A 143 -10.56 14.53 3.10
N TRP A 144 -9.93 13.56 3.76
CA TRP A 144 -8.49 13.40 3.63
C TRP A 144 -8.09 13.00 2.21
N THR A 145 -8.94 12.22 1.54
CA THR A 145 -8.65 11.85 0.17
C THR A 145 -8.67 13.10 -0.70
N ARG A 146 -9.65 13.96 -0.45
CA ARG A 146 -9.77 15.20 -1.21
C ARG A 146 -8.59 16.12 -0.94
N MET A 147 -8.24 16.25 0.33
CA MET A 147 -7.21 17.22 0.73
C MET A 147 -5.81 16.79 0.33
N TYR A 148 -5.53 15.49 0.53
CA TYR A 148 -4.15 15.03 0.54
C TYR A 148 -3.77 14.07 -0.56
N ALA A 149 -4.74 13.56 -1.33
CA ALA A 149 -4.46 12.53 -2.31
C ALA A 149 -4.83 12.95 -3.75
N ARG A 150 -4.83 14.26 -4.03
CA ARG A 150 -5.07 14.71 -5.40
C ARG A 150 -3.86 14.31 -6.23
N PRO A 151 -4.10 13.90 -7.48
CA PRO A 151 -2.99 13.51 -8.38
C PRO A 151 -2.16 14.69 -8.85
#